data_2A5L
#
_entry.id   2A5L
#
_cell.length_a   62.927
_cell.length_b   62.927
_cell.length_c   190.022
_cell.angle_alpha   90.00
_cell.angle_beta   90.00
_cell.angle_gamma   90.00
#
_symmetry.space_group_name_H-M   'P 43 21 2'
#
loop_
_entity.id
_entity.type
_entity.pdbx_description
1 polymer 'Trp repressor binding protein WrbA'
2 non-polymer 'MAGNESIUM ION'
3 water water
#
_entity_poly.entity_id   1
_entity_poly.type   'polypeptide(L)'
_entity_poly.pdbx_seq_one_letter_code
;GS(MSE)SSPYILVLYYSRHGATAE(MSE)ARQIARGVEQGGFEARVRTVPAVSTECEAVAPDIPAEGALYATLEDLKNC
AGLALGSPTRFGN(MSE)ASPLKYFLDGTSSLWLTGSLVGKPAAVFTSTASLHGGQETTQLS(MSE)LLPLLHHG(MSE)
LVLGIPYSEPALLETRGGGTPYGASHFAGADGKRSLDEHELTLCRALGKRLAETAGKLGS
;
_entity_poly.pdbx_strand_id   A,B
#
loop_
_chem_comp.id
_chem_comp.type
_chem_comp.name
_chem_comp.formula
MG non-polymer 'MAGNESIUM ION' 'Mg 2'
#
# COMPACT_ATOMS: atom_id res chain seq x y z
N SER A 5 -2.03 -32.16 7.65
CA SER A 5 -0.69 -31.56 7.90
C SER A 5 -0.38 -30.30 7.04
N PRO A 6 -0.46 -30.39 5.68
CA PRO A 6 -0.30 -29.10 4.97
C PRO A 6 -1.44 -28.14 5.32
N TYR A 7 -1.16 -26.84 5.26
CA TYR A 7 -2.19 -25.88 5.72
C TYR A 7 -2.23 -24.66 4.79
N ILE A 8 -3.40 -24.02 4.73
CA ILE A 8 -3.50 -22.70 4.13
C ILE A 8 -3.36 -21.69 5.27
N LEU A 9 -2.49 -20.70 5.11
CA LEU A 9 -2.33 -19.67 6.14
C LEU A 9 -3.35 -18.57 5.82
N VAL A 10 -4.15 -18.25 6.84
CA VAL A 10 -5.19 -17.17 6.76
C VAL A 10 -4.66 -16.07 7.63
N LEU A 11 -4.06 -15.06 6.98
CA LEU A 11 -3.25 -14.04 7.66
C LEU A 11 -3.96 -12.69 7.50
N TYR A 12 -4.27 -12.04 8.62
CA TYR A 12 -5.09 -10.81 8.55
C TYR A 12 -4.70 -9.83 9.61
N TYR A 13 -5.18 -8.60 9.42
CA TYR A 13 -5.18 -7.60 10.49
C TYR A 13 -6.65 -7.18 10.64
N SER A 14 -7.12 -6.99 11.88
CA SER A 14 -8.48 -6.50 12.12
C SER A 14 -8.42 -5.45 13.20
N ARG A 15 -9.19 -4.38 13.03
CA ARG A 15 -9.30 -3.38 14.11
C ARG A 15 -10.58 -3.61 14.93
N HIS A 16 -11.69 -3.81 14.24
CA HIS A 16 -13.01 -3.94 14.91
C HIS A 16 -13.70 -5.29 14.72
N GLY A 17 -12.98 -6.24 14.10
CA GLY A 17 -13.40 -7.61 14.13
C GLY A 17 -13.94 -8.18 12.84
N ALA A 18 -14.26 -7.33 11.87
CA ALA A 18 -14.85 -7.85 10.61
C ALA A 18 -13.90 -8.79 9.88
N THR A 19 -12.65 -8.37 9.69
CA THR A 19 -11.73 -9.27 8.96
C THR A 19 -11.38 -10.51 9.74
N ALA A 20 -11.43 -10.43 11.08
CA ALA A 20 -11.24 -11.63 11.89
C ALA A 20 -12.34 -12.64 11.62
N GLU A 21 -13.58 -12.17 11.49
CA GLU A 21 -14.67 -13.08 11.19
C GLU A 21 -14.59 -13.61 9.76
N MSE A 22 -14.22 -12.76 8.81
CA MSE A 22 -13.94 -13.25 7.47
C MSE A 22 -12.87 -14.35 7.50
O MSE A 22 -13.02 -15.33 6.76
CB MSE A 22 -13.49 -12.12 6.53
CG MSE A 22 -14.57 -11.03 6.39
SE MSE A 22 -13.91 -9.60 5.23
CE MSE A 22 -14.22 -10.48 3.57
N ALA A 23 -11.84 -14.18 8.33
CA ALA A 23 -10.72 -15.11 8.34
C ALA A 23 -11.24 -16.45 8.83
N ARG A 24 -12.14 -16.41 9.84
CA ARG A 24 -12.72 -17.68 10.33
C ARG A 24 -13.54 -18.39 9.24
N GLN A 25 -14.29 -17.62 8.45
CA GLN A 25 -15.09 -18.22 7.37
C GLN A 25 -14.25 -18.73 6.24
N ILE A 26 -13.18 -17.99 5.90
CA ILE A 26 -12.24 -18.48 4.90
C ILE A 26 -11.62 -19.80 5.40
N ALA A 27 -11.31 -19.85 6.70
CA ALA A 27 -10.70 -21.08 7.30
C ALA A 27 -11.71 -22.24 7.19
N ARG A 28 -12.99 -21.97 7.43
CA ARG A 28 -14.00 -23.02 7.24
C ARG A 28 -14.01 -23.54 5.79
N GLY A 29 -13.86 -22.66 4.80
CA GLY A 29 -13.77 -23.06 3.42
C GLY A 29 -12.53 -23.90 3.13
N VAL A 30 -11.41 -23.45 3.66
CA VAL A 30 -10.13 -24.21 3.54
C VAL A 30 -10.38 -25.66 3.97
N GLU A 31 -11.02 -25.82 5.12
CA GLU A 31 -11.38 -27.17 5.62
C GLU A 31 -12.31 -27.96 4.67
N GLN A 32 -13.26 -27.27 4.04
CA GLN A 32 -14.15 -27.89 3.04
C GLN A 32 -13.36 -28.38 1.84
N GLY A 33 -12.23 -27.71 1.58
CA GLY A 33 -11.33 -28.08 0.48
C GLY A 33 -10.23 -29.09 0.86
N GLY A 34 -10.35 -29.69 2.04
CA GLY A 34 -9.49 -30.80 2.44
C GLY A 34 -8.14 -30.45 3.01
N PHE A 35 -7.98 -29.19 3.44
CA PHE A 35 -6.74 -28.71 4.08
C PHE A 35 -7.00 -28.21 5.50
N GLU A 36 -5.94 -28.19 6.31
CA GLU A 36 -5.97 -27.47 7.57
C GLU A 36 -5.81 -25.99 7.29
N ALA A 37 -6.43 -25.19 8.13
CA ALA A 37 -6.29 -23.75 8.09
C ALA A 37 -5.50 -23.27 9.31
N ARG A 38 -4.52 -22.41 9.07
CA ARG A 38 -3.81 -21.77 10.18
C ARG A 38 -4.18 -20.29 10.18
N VAL A 39 -4.97 -19.87 11.15
CA VAL A 39 -5.47 -18.47 11.18
C VAL A 39 -4.54 -17.66 12.10
N ARG A 40 -3.91 -16.62 11.55
CA ARG A 40 -2.98 -15.82 12.35
C ARG A 40 -3.19 -14.35 12.07
N THR A 41 -2.87 -13.53 13.07
CA THR A 41 -2.93 -12.08 12.87
C THR A 41 -1.55 -11.44 13.05
N VAL A 42 -1.51 -10.12 13.13
CA VAL A 42 -0.26 -9.42 13.32
C VAL A 42 -0.48 -8.34 14.37
N PRO A 43 0.56 -7.97 15.14
CA PRO A 43 0.38 -6.96 16.20
C PRO A 43 0.24 -5.56 15.63
N ALA A 44 -0.41 -4.69 16.39
CA ALA A 44 -0.39 -3.25 16.08
C ALA A 44 1.05 -2.73 15.99
N VAL A 45 1.23 -1.63 15.26
CA VAL A 45 2.52 -0.95 15.26
C VAL A 45 2.40 0.48 15.79
N SER A 46 3.53 1.07 16.14
CA SER A 46 3.52 2.47 16.56
C SER A 46 4.95 3.02 16.43
N THR A 47 5.09 4.34 16.50
CA THR A 47 6.43 4.94 16.42
C THR A 47 7.08 4.89 17.80
N ALA A 61 -6.42 -14.32 17.75
CA ALA A 61 -5.53 -15.23 17.02
C ALA A 61 -4.09 -14.97 17.41
N LEU A 62 -3.30 -16.02 17.33
CA LEU A 62 -1.89 -15.93 17.58
C LEU A 62 -1.27 -15.06 16.48
N TYR A 63 -0.09 -14.50 16.76
CA TYR A 63 0.61 -13.69 15.73
C TYR A 63 1.38 -14.56 14.76
N ALA A 64 1.38 -14.16 13.48
CA ALA A 64 2.07 -14.89 12.45
C ALA A 64 3.59 -14.72 12.57
N THR A 65 4.29 -15.79 12.20
CA THR A 65 5.73 -15.72 12.01
C THR A 65 6.14 -15.93 10.56
N LEU A 66 7.41 -15.63 10.25
CA LEU A 66 7.91 -15.92 8.92
C LEU A 66 7.80 -17.40 8.58
N GLU A 67 8.10 -18.29 9.54
CA GLU A 67 7.98 -19.70 9.27
C GLU A 67 6.54 -20.10 8.89
N ASP A 68 5.55 -19.49 9.52
CA ASP A 68 4.17 -19.75 9.16
C ASP A 68 3.93 -19.49 7.69
N LEU A 69 4.49 -18.39 7.21
CA LEU A 69 4.29 -17.94 5.84
C LEU A 69 5.12 -18.84 4.90
N LYS A 70 6.36 -19.14 5.29
CA LYS A 70 7.18 -19.98 4.43
C LYS A 70 6.63 -21.36 4.17
N ASN A 71 5.99 -21.94 5.20
CA ASN A 71 5.59 -23.33 5.15
C ASN A 71 4.13 -23.54 4.77
N CYS A 72 3.43 -22.44 4.46
CA CYS A 72 2.05 -22.60 4.02
C CYS A 72 1.97 -23.23 2.63
N ALA A 73 0.87 -23.94 2.38
CA ALA A 73 0.60 -24.45 1.04
C ALA A 73 -0.06 -23.37 0.16
N GLY A 74 -0.60 -22.33 0.79
CA GLY A 74 -1.27 -21.22 0.07
C GLY A 74 -1.66 -20.21 1.13
N LEU A 75 -2.10 -19.04 0.66
CA LEU A 75 -2.22 -17.89 1.57
C LEU A 75 -3.50 -17.11 1.28
N ALA A 76 -4.23 -16.77 2.33
CA ALA A 76 -5.30 -15.77 2.20
C ALA A 76 -4.91 -14.59 3.05
N LEU A 77 -4.87 -13.38 2.44
CA LEU A 77 -4.32 -12.19 3.11
C LEU A 77 -5.43 -11.18 3.26
N GLY A 78 -5.71 -10.75 4.49
CA GLY A 78 -6.93 -9.95 4.77
C GLY A 78 -6.66 -8.65 5.53
N SER A 79 -7.37 -7.58 5.15
CA SER A 79 -7.24 -6.31 5.86
C SER A 79 -8.51 -5.46 5.68
N PRO A 80 -8.81 -4.61 6.69
CA PRO A 80 -9.81 -3.55 6.43
C PRO A 80 -9.20 -2.59 5.42
N THR A 81 -10.03 -1.89 4.66
CA THR A 81 -9.52 -0.89 3.74
C THR A 81 -8.98 0.32 4.52
N ARG A 82 -7.80 0.82 4.13
CA ARG A 82 -7.24 2.02 4.75
C ARG A 82 -6.75 2.93 3.64
N PHE A 83 -7.67 3.78 3.16
CA PHE A 83 -7.36 4.74 2.08
C PHE A 83 -6.84 4.04 0.85
N GLY A 84 -7.49 2.95 0.47
CA GLY A 84 -7.13 2.27 -0.78
C GLY A 84 -5.93 1.35 -0.77
N ASN A 85 -5.33 1.14 0.42
CA ASN A 85 -4.26 0.16 0.59
C ASN A 85 -4.56 -0.65 1.87
N MSE A 86 -3.79 -1.71 2.07
CA MSE A 86 -3.94 -2.47 3.32
C MSE A 86 -3.49 -1.66 4.54
O MSE A 86 -2.81 -0.63 4.42
CB MSE A 86 -3.09 -3.73 3.25
CG MSE A 86 -1.61 -3.44 3.36
SE MSE A 86 -0.56 -5.12 3.29
CE MSE A 86 -0.48 -5.28 1.33
N ALA A 87 -3.89 -2.15 5.72
CA ALA A 87 -3.52 -1.50 6.97
C ALA A 87 -2.02 -1.59 7.25
N SER A 88 -1.47 -0.49 7.80
CA SER A 88 -0.02 -0.43 8.07
C SER A 88 0.55 -1.58 8.92
N PRO A 89 -0.18 -2.11 9.93
CA PRO A 89 0.44 -3.27 10.66
C PRO A 89 0.66 -4.49 9.77
N LEU A 90 -0.22 -4.70 8.79
CA LEU A 90 -0.04 -5.86 7.89
C LEU A 90 1.07 -5.52 6.88
N LYS A 91 1.13 -4.28 6.40
CA LYS A 91 2.25 -3.88 5.54
C LYS A 91 3.59 -4.08 6.27
N TYR A 92 3.61 -3.77 7.58
CA TYR A 92 4.87 -3.89 8.35
C TYR A 92 5.31 -5.37 8.38
N PHE A 93 4.34 -6.27 8.60
CA PHE A 93 4.67 -7.70 8.54
C PHE A 93 5.28 -8.05 7.20
N LEU A 94 4.63 -7.61 6.10
CA LEU A 94 5.13 -7.94 4.78
C LEU A 94 6.49 -7.30 4.51
N ASP A 95 6.73 -6.12 5.10
CA ASP A 95 8.01 -5.43 4.88
C ASP A 95 9.18 -6.25 5.44
N GLY A 96 8.88 -7.16 6.36
CA GLY A 96 9.92 -8.02 6.97
C GLY A 96 10.21 -9.31 6.19
N THR A 97 9.67 -9.43 4.97
CA THR A 97 9.75 -10.70 4.21
C THR A 97 10.83 -10.72 3.12
N SER A 98 11.79 -9.79 3.18
CA SER A 98 12.90 -9.76 2.18
C SER A 98 13.59 -11.10 1.98
N SER A 99 13.87 -11.82 3.07
CA SER A 99 14.57 -13.13 2.90
C SER A 99 13.77 -14.11 2.11
N LEU A 100 12.44 -14.14 2.31
CA LEU A 100 11.56 -14.99 1.56
C LEU A 100 11.63 -14.63 0.09
N TRP A 101 11.65 -13.32 -0.19
CA TRP A 101 11.60 -12.84 -1.57
C TRP A 101 12.91 -13.26 -2.24
N LEU A 102 14.02 -13.04 -1.56
CA LEU A 102 15.35 -13.40 -2.13
C LEU A 102 15.55 -14.88 -2.38
N THR A 103 14.97 -15.72 -1.53
CA THR A 103 15.14 -17.16 -1.68
C THR A 103 14.00 -17.84 -2.41
N GLY A 104 13.02 -17.06 -2.88
CA GLY A 104 11.89 -17.66 -3.56
C GLY A 104 10.97 -18.55 -2.72
N SER A 105 10.85 -18.23 -1.42
CA SER A 105 10.11 -19.08 -0.50
C SER A 105 8.64 -19.28 -0.86
N LEU A 106 7.99 -18.25 -1.42
CA LEU A 106 6.57 -18.31 -1.66
C LEU A 106 6.23 -18.53 -3.13
N VAL A 107 7.26 -18.71 -3.96
CA VAL A 107 7.06 -18.86 -5.41
C VAL A 107 6.16 -20.06 -5.75
N GLY A 108 5.10 -19.80 -6.51
CA GLY A 108 4.26 -20.91 -6.99
C GLY A 108 3.15 -21.33 -6.05
N LYS A 109 3.10 -20.71 -4.87
CA LYS A 109 2.00 -20.99 -3.93
C LYS A 109 0.78 -20.17 -4.29
N PRO A 110 -0.41 -20.76 -4.22
CA PRO A 110 -1.62 -19.96 -4.50
C PRO A 110 -1.88 -18.93 -3.41
N ALA A 111 -2.48 -17.81 -3.83
CA ALA A 111 -2.77 -16.75 -2.89
C ALA A 111 -3.97 -15.94 -3.32
N ALA A 112 -4.66 -15.44 -2.31
CA ALA A 112 -5.84 -14.60 -2.54
C ALA A 112 -5.93 -13.56 -1.41
N VAL A 113 -6.83 -12.59 -1.60
CA VAL A 113 -6.99 -11.51 -0.61
C VAL A 113 -8.45 -11.30 -0.19
N PHE A 114 -8.60 -10.61 0.94
CA PHE A 114 -9.94 -10.27 1.44
C PHE A 114 -9.92 -8.96 2.18
N THR A 115 -11.04 -8.23 2.08
CA THR A 115 -11.12 -6.94 2.74
C THR A 115 -12.48 -6.75 3.38
N SER A 116 -12.51 -5.79 4.30
N SER A 116 -12.51 -5.82 4.32
CA SER A 116 -13.74 -5.27 4.89
CA SER A 116 -13.75 -5.27 4.85
C SER A 116 -13.67 -3.74 4.88
C SER A 116 -13.66 -3.75 4.74
N THR A 117 -14.82 -3.09 4.67
CA THR A 117 -14.85 -1.64 4.73
C THR A 117 -16.05 -1.14 5.53
N ALA A 118 -15.85 -0.03 6.24
CA ALA A 118 -16.94 0.61 6.97
C ALA A 118 -17.48 1.79 6.16
N SER A 119 -16.92 2.00 4.97
CA SER A 119 -17.31 3.12 4.12
C SER A 119 -18.28 2.76 2.99
N LEU A 120 -19.18 3.70 2.68
CA LEU A 120 -20.22 3.47 1.70
C LEU A 120 -19.84 3.72 0.25
N HIS A 121 -18.68 4.34 0.05
CA HIS A 121 -18.35 4.86 -1.25
C HIS A 121 -17.10 4.24 -1.89
N GLY A 122 -17.01 2.92 -1.79
CA GLY A 122 -16.01 2.15 -2.52
C GLY A 122 -14.66 2.02 -1.82
N GLY A 123 -13.71 1.45 -2.56
CA GLY A 123 -12.36 1.29 -2.09
C GLY A 123 -11.93 -0.15 -1.96
N GLN A 124 -12.85 -1.10 -1.77
CA GLN A 124 -12.43 -2.47 -1.60
C GLN A 124 -11.75 -3.04 -2.81
N GLU A 125 -12.30 -2.83 -4.03
CA GLU A 125 -11.67 -3.46 -5.20
C GLU A 125 -10.23 -2.99 -5.43
N THR A 126 -10.03 -1.69 -5.28
CA THR A 126 -8.70 -1.20 -5.53
C THR A 126 -7.80 -1.54 -4.35
N THR A 127 -8.36 -1.60 -3.14
CA THR A 127 -7.54 -2.09 -2.02
C THR A 127 -7.08 -3.52 -2.32
N GLN A 128 -8.04 -4.36 -2.74
CA GLN A 128 -7.71 -5.74 -3.10
C GLN A 128 -6.61 -5.78 -4.17
N LEU A 129 -6.77 -5.02 -5.23
CA LEU A 129 -5.74 -4.97 -6.25
C LEU A 129 -4.37 -4.58 -5.66
N SER A 130 -4.37 -3.57 -4.79
CA SER A 130 -3.12 -3.10 -4.21
C SER A 130 -2.45 -4.22 -3.39
N MSE A 131 -3.26 -5.09 -2.79
CA MSE A 131 -2.77 -6.23 -2.01
C MSE A 131 -2.27 -7.38 -2.87
O MSE A 131 -1.42 -8.17 -2.42
CB MSE A 131 -3.88 -6.74 -1.07
CG MSE A 131 -4.20 -5.66 -0.01
SE MSE A 131 -5.79 -6.14 1.02
CE MSE A 131 -4.91 -7.69 2.12
N LEU A 132 -2.77 -7.49 -4.09
CA LEU A 132 -2.21 -8.50 -5.03
C LEU A 132 -0.75 -8.21 -5.40
N LEU A 133 -0.34 -6.94 -5.32
CA LEU A 133 0.99 -6.55 -5.76
C LEU A 133 2.11 -7.25 -4.98
N PRO A 134 2.10 -7.17 -3.63
CA PRO A 134 3.15 -7.95 -2.93
C PRO A 134 3.11 -9.46 -3.17
N LEU A 135 1.91 -10.00 -3.37
CA LEU A 135 1.78 -11.45 -3.66
C LEU A 135 2.49 -11.76 -4.96
N LEU A 136 2.31 -10.91 -5.96
CA LEU A 136 3.03 -11.11 -7.24
C LEU A 136 4.53 -10.86 -7.13
N HIS A 137 4.94 -9.88 -6.33
CA HIS A 137 6.35 -9.69 -6.08
C HIS A 137 7.00 -10.95 -5.52
N HIS A 138 6.25 -11.68 -4.68
CA HIS A 138 6.73 -12.94 -4.11
C HIS A 138 6.57 -14.15 -5.03
N GLY A 139 6.08 -13.92 -6.27
CA GLY A 139 5.98 -15.00 -7.26
C GLY A 139 4.84 -15.97 -6.98
N MSE A 140 3.86 -15.50 -6.23
CA MSE A 140 2.72 -16.35 -5.92
C MSE A 140 1.78 -16.48 -7.11
O MSE A 140 1.82 -15.66 -8.05
CB MSE A 140 2.02 -15.87 -4.62
CG MSE A 140 3.06 -15.68 -3.50
SE MSE A 140 2.16 -15.37 -1.78
CE MSE A 140 1.74 -17.25 -1.36
N LEU A 141 0.96 -17.53 -7.10
N LEU A 141 0.93 -17.51 -7.08
CA LEU A 141 -0.07 -17.76 -8.09
CA LEU A 141 -0.07 -17.73 -8.13
C LEU A 141 -1.32 -17.11 -7.53
C LEU A 141 -1.41 -17.18 -7.64
N VAL A 142 -1.76 -16.00 -8.13
CA VAL A 142 -2.87 -15.25 -7.54
C VAL A 142 -4.21 -15.65 -8.11
N LEU A 143 -5.19 -15.74 -7.22
CA LEU A 143 -6.53 -16.10 -7.63
C LEU A 143 -7.57 -15.28 -6.83
N GLY A 144 -8.77 -15.16 -7.39
CA GLY A 144 -9.88 -14.49 -6.69
C GLY A 144 -11.14 -15.33 -6.76
N ILE A 145 -12.29 -14.67 -6.93
CA ILE A 145 -13.57 -15.35 -6.93
C ILE A 145 -14.11 -15.41 -8.36
N PRO A 146 -14.25 -16.62 -8.91
CA PRO A 146 -14.74 -16.73 -10.29
C PRO A 146 -16.23 -16.44 -10.36
N TYR A 147 -16.69 -16.13 -11.55
CA TYR A 147 -18.09 -15.84 -11.77
C TYR A 147 -18.95 -17.07 -11.44
N THR A 160 -16.43 -9.16 -5.74
CA THR A 160 -15.47 -8.88 -6.82
C THR A 160 -14.67 -10.11 -7.25
N PRO A 161 -14.11 -10.07 -8.46
CA PRO A 161 -13.21 -11.09 -8.99
C PRO A 161 -11.90 -11.11 -8.26
N TYR A 162 -11.57 -10.05 -7.51
CA TYR A 162 -10.20 -9.89 -7.00
C TYR A 162 -9.99 -10.41 -5.60
N GLY A 163 -11.06 -10.79 -4.91
CA GLY A 163 -10.90 -11.20 -3.53
C GLY A 163 -12.25 -11.13 -2.83
N ALA A 164 -12.30 -11.55 -1.58
CA ALA A 164 -13.59 -11.51 -0.84
C ALA A 164 -13.79 -10.13 -0.20
N SER A 165 -15.04 -9.66 -0.18
CA SER A 165 -15.37 -8.30 0.28
C SER A 165 -16.44 -8.38 1.35
N HIS A 166 -16.53 -7.33 2.13
CA HIS A 166 -17.57 -7.25 3.18
C HIS A 166 -17.77 -5.80 3.55
N PHE A 167 -19.04 -5.42 3.65
CA PHE A 167 -19.40 -4.11 4.19
C PHE A 167 -19.73 -4.23 5.68
N ALA A 168 -19.00 -3.51 6.53
CA ALA A 168 -19.04 -3.72 7.99
C ALA A 168 -19.98 -2.76 8.70
N GLY A 169 -20.61 -1.89 7.94
CA GLY A 169 -21.51 -0.88 8.51
C GLY A 169 -20.70 0.25 9.14
N ALA A 170 -21.36 1.38 9.38
CA ALA A 170 -20.70 2.53 9.99
C ALA A 170 -19.98 2.19 11.30
N ASP A 171 -20.52 1.24 12.05
CA ASP A 171 -19.99 0.84 13.35
C ASP A 171 -19.03 -0.34 13.33
N GLY A 172 -18.78 -0.91 12.15
CA GLY A 172 -17.88 -2.05 12.01
C GLY A 172 -18.41 -3.38 12.52
N LYS A 173 -19.65 -3.41 12.98
CA LYS A 173 -20.18 -4.70 13.48
C LYS A 173 -21.30 -5.37 12.64
N ARG A 174 -21.57 -4.88 11.43
CA ARG A 174 -22.53 -5.54 10.51
C ARG A 174 -22.04 -6.95 10.20
N SER A 175 -22.92 -7.93 10.42
CA SER A 175 -22.59 -9.32 10.18
C SER A 175 -22.36 -9.53 8.69
N LEU A 176 -21.48 -10.47 8.36
N LEU A 176 -21.49 -10.48 8.36
CA LEU A 176 -21.41 -10.94 6.99
CA LEU A 176 -21.42 -10.93 6.98
C LEU A 176 -22.80 -11.38 6.56
C LEU A 176 -22.79 -11.40 6.56
N ASP A 177 -23.23 -10.95 5.39
CA ASP A 177 -24.50 -11.44 4.87
C ASP A 177 -24.31 -12.80 4.22
N GLU A 178 -25.41 -13.41 3.75
CA GLU A 178 -25.32 -14.76 3.17
C GLU A 178 -24.31 -14.82 2.01
N HIS A 179 -24.34 -13.82 1.13
N HIS A 179 -24.31 -13.80 1.18
CA HIS A 179 -23.48 -13.75 -0.05
CA HIS A 179 -23.50 -13.79 -0.03
C HIS A 179 -22.03 -13.60 0.39
C HIS A 179 -22.03 -13.53 0.32
N GLU A 180 -21.78 -12.61 1.24
CA GLU A 180 -20.41 -12.34 1.73
C GLU A 180 -19.81 -13.58 2.38
N LEU A 181 -20.61 -14.25 3.21
CA LEU A 181 -20.12 -15.44 3.94
C LEU A 181 -19.84 -16.58 2.94
N THR A 182 -20.79 -16.83 2.05
CA THR A 182 -20.65 -17.86 1.04
C THR A 182 -19.39 -17.65 0.21
N LEU A 183 -19.13 -16.39 -0.14
CA LEU A 183 -17.92 -16.08 -0.95
C LEU A 183 -16.62 -16.25 -0.13
N CYS A 184 -16.63 -15.91 1.16
CA CYS A 184 -15.47 -16.17 2.02
C CYS A 184 -15.17 -17.66 2.03
N ARG A 185 -16.20 -18.46 2.24
CA ARG A 185 -15.97 -19.91 2.30
C ARG A 185 -15.49 -20.44 0.94
N ALA A 186 -16.09 -19.93 -0.14
CA ALA A 186 -15.71 -20.36 -1.48
C ALA A 186 -14.26 -20.04 -1.76
N LEU A 187 -13.82 -18.87 -1.33
CA LEU A 187 -12.41 -18.46 -1.57
C LEU A 187 -11.47 -19.41 -0.84
N GLY A 188 -11.77 -19.70 0.43
CA GLY A 188 -10.95 -20.61 1.21
C GLY A 188 -10.90 -22.00 0.59
N LYS A 189 -12.07 -22.49 0.15
CA LYS A 189 -12.14 -23.80 -0.48
C LYS A 189 -11.33 -23.80 -1.77
N ARG A 190 -11.40 -22.72 -2.53
CA ARG A 190 -10.64 -22.64 -3.80
C ARG A 190 -9.13 -22.61 -3.57
N LEU A 191 -8.67 -21.87 -2.56
CA LEU A 191 -7.22 -21.91 -2.20
C LEU A 191 -6.79 -23.32 -1.86
N ALA A 192 -7.57 -24.00 -1.03
CA ALA A 192 -7.23 -25.36 -0.62
C ALA A 192 -7.23 -26.29 -1.84
N GLU A 193 -8.29 -26.25 -2.64
CA GLU A 193 -8.37 -27.13 -3.81
C GLU A 193 -7.27 -26.87 -4.81
N THR A 194 -6.89 -25.61 -4.97
CA THR A 194 -5.77 -25.29 -5.90
C THR A 194 -4.44 -25.80 -5.36
N ALA A 195 -4.20 -25.59 -4.06
CA ALA A 195 -3.03 -26.15 -3.39
C ALA A 195 -3.01 -27.68 -3.56
N GLY A 196 -4.17 -28.32 -3.41
CA GLY A 196 -4.30 -29.78 -3.60
C GLY A 196 -3.85 -30.20 -4.98
N LYS A 197 -4.33 -29.50 -6.00
CA LYS A 197 -3.98 -29.82 -7.37
C LYS A 197 -2.48 -29.67 -7.61
N LEU A 198 -1.91 -28.56 -7.15
CA LEU A 198 -0.49 -28.30 -7.37
C LEU A 198 0.40 -29.31 -6.66
N GLY A 199 -0.07 -29.83 -5.54
CA GLY A 199 0.71 -30.71 -4.66
C GLY A 199 0.62 -32.16 -5.07
N SER A 200 -0.35 -32.47 -5.92
CA SER A 200 -0.44 -33.73 -6.65
C SER A 200 -1.83 -33.87 -7.25
N SER B 5 2.93 31.67 4.23
CA SER B 5 2.68 31.64 2.77
C SER B 5 2.35 30.20 2.39
N PRO B 6 1.69 29.99 1.24
CA PRO B 6 1.35 28.61 0.84
C PRO B 6 2.60 27.76 0.60
N TYR B 7 2.53 26.47 0.91
CA TYR B 7 3.67 25.61 0.68
C TYR B 7 3.26 24.27 0.12
N ILE B 8 4.18 23.66 -0.61
CA ILE B 8 4.03 22.28 -1.06
C ILE B 8 4.73 21.41 -0.02
N LEU B 9 4.01 20.44 0.54
CA LEU B 9 4.62 19.47 1.48
C LEU B 9 5.23 18.36 0.69
N VAL B 10 6.50 18.09 1.00
CA VAL B 10 7.22 16.97 0.39
C VAL B 10 7.42 15.98 1.50
N LEU B 11 6.61 14.92 1.46
CA LEU B 11 6.46 14.01 2.61
C LEU B 11 7.00 12.67 2.17
N TYR B 12 7.95 12.13 2.92
CA TYR B 12 8.56 10.89 2.48
C TYR B 12 9.02 10.01 3.63
N TYR B 13 9.34 8.75 3.30
CA TYR B 13 10.06 7.87 4.21
C TYR B 13 11.32 7.41 3.46
N SER B 14 12.45 7.30 4.18
CA SER B 14 13.69 6.84 3.54
C SER B 14 14.40 5.93 4.51
N ARG B 15 14.91 4.81 4.04
CA ARG B 15 15.65 3.92 4.92
C ARG B 15 17.15 4.13 4.73
N HIS B 16 17.56 4.20 3.47
CA HIS B 16 18.98 4.33 3.12
C HIS B 16 19.38 5.63 2.42
N GLY B 17 18.42 6.57 2.30
CA GLY B 17 18.78 7.94 1.89
C GLY B 17 18.33 8.42 0.54
N ALA B 18 17.99 7.51 -0.38
CA ALA B 18 17.70 7.92 -1.74
C ALA B 18 16.46 8.78 -1.84
N THR B 19 15.39 8.36 -1.18
CA THR B 19 14.16 9.16 -1.28
C THR B 19 14.33 10.51 -0.57
N ALA B 20 15.19 10.56 0.45
CA ALA B 20 15.47 11.85 1.11
C ALA B 20 16.12 12.84 0.14
N GLU B 21 17.05 12.34 -0.68
CA GLU B 21 17.65 13.18 -1.71
C GLU B 21 16.63 13.58 -2.78
N MSE B 22 15.81 12.63 -3.21
CA MSE B 22 14.74 12.97 -4.15
C MSE B 22 13.85 14.08 -3.58
O MSE B 22 13.47 15.01 -4.31
CB MSE B 22 13.90 11.72 -4.50
CG MSE B 22 14.76 10.66 -5.13
SE MSE B 22 13.60 9.08 -5.53
CE MSE B 22 12.80 9.81 -7.10
N ALA B 23 13.53 13.98 -2.29
CA ALA B 23 12.64 14.94 -1.65
C ALA B 23 13.25 16.33 -1.72
N ARG B 24 14.55 16.40 -1.40
CA ARG B 24 15.22 17.72 -1.49
C ARG B 24 15.22 18.27 -2.93
N GLN B 25 15.42 17.41 -3.93
CA GLN B 25 15.41 17.88 -5.32
C GLN B 25 14.00 18.32 -5.76
N ILE B 26 13.00 17.54 -5.37
CA ILE B 26 11.62 17.98 -5.59
C ILE B 26 11.35 19.37 -4.97
N ALA B 27 11.84 19.58 -3.75
CA ALA B 27 11.70 20.89 -3.11
C ALA B 27 12.39 22.01 -3.91
N ARG B 28 13.57 21.73 -4.46
CA ARG B 28 14.20 22.72 -5.34
C ARG B 28 13.31 23.08 -6.54
N GLY B 29 12.59 22.09 -7.05
CA GLY B 29 11.65 22.32 -8.17
C GLY B 29 10.49 23.16 -7.72
N VAL B 30 9.96 22.84 -6.53
CA VAL B 30 8.89 23.63 -5.92
C VAL B 30 9.30 25.11 -5.88
N GLU B 31 10.54 25.36 -5.48
CA GLU B 31 11.02 26.74 -5.46
C GLU B 31 11.07 27.38 -6.87
N GLN B 32 11.47 26.59 -7.85
CA GLN B 32 11.49 27.05 -9.26
C GLN B 32 10.09 27.43 -9.69
N GLY B 33 9.11 26.71 -9.15
CA GLY B 33 7.68 26.93 -9.47
C GLY B 33 7.02 28.01 -8.65
N GLY B 34 7.80 28.74 -7.86
CA GLY B 34 7.30 29.93 -7.17
C GLY B 34 6.64 29.70 -5.82
N PHE B 35 6.78 28.49 -5.27
CA PHE B 35 6.25 28.18 -3.99
C PHE B 35 7.33 27.86 -2.96
N GLU B 36 6.98 28.08 -1.69
N GLU B 36 6.96 28.02 -1.70
CA GLU B 36 7.70 27.53 -0.55
CA GLU B 36 7.79 27.53 -0.61
C GLU B 36 7.54 26.01 -0.58
C GLU B 36 7.50 26.04 -0.39
N ALA B 37 8.53 25.29 -0.03
CA ALA B 37 8.46 23.83 0.17
C ALA B 37 8.65 23.52 1.67
N ARG B 38 8.03 22.44 2.14
CA ARG B 38 8.28 21.94 3.48
C ARG B 38 8.59 20.45 3.30
N VAL B 39 9.84 20.09 3.58
CA VAL B 39 10.28 18.71 3.42
C VAL B 39 10.26 18.03 4.79
N ARG B 40 9.55 16.91 4.88
CA ARG B 40 9.29 16.28 6.17
C ARG B 40 9.27 14.77 5.98
N THR B 41 9.75 14.07 7.01
CA THR B 41 9.74 12.61 6.97
C THR B 41 8.83 12.05 8.07
N VAL B 42 8.87 10.75 8.27
CA VAL B 42 8.03 10.10 9.28
C VAL B 42 8.92 9.12 10.05
N PRO B 43 8.59 8.86 11.33
CA PRO B 43 9.45 7.95 12.09
C PRO B 43 9.25 6.49 11.72
N ALA B 44 10.25 5.70 12.03
CA ALA B 44 10.14 4.25 11.95
C ALA B 44 9.01 3.77 12.86
N VAL B 45 8.46 2.61 12.53
CA VAL B 45 7.47 1.94 13.36
C VAL B 45 7.99 0.55 13.77
N SER B 46 7.42 -0.01 14.83
CA SER B 46 7.74 -1.38 15.24
C SER B 46 6.54 -1.89 16.01
N THR B 47 6.52 -3.20 16.26
CA THR B 47 5.44 -3.77 17.04
C THR B 47 5.75 -3.57 18.53
N GLU B 48 4.74 -3.90 19.33
CA GLU B 48 4.22 -3.10 20.43
C GLU B 48 4.42 -3.69 21.82
N ALA B 61 16.60 16.17 9.71
CA ALA B 61 15.29 15.87 9.09
C ALA B 61 14.15 15.84 10.12
N LEU B 62 13.06 16.57 9.84
CA LEU B 62 12.00 16.80 10.80
C LEU B 62 10.81 15.92 10.45
N TYR B 63 10.15 15.42 11.49
CA TYR B 63 8.99 14.56 11.29
C TYR B 63 7.76 15.39 11.00
N ALA B 64 6.99 14.92 10.02
CA ALA B 64 5.74 15.56 9.63
C ALA B 64 4.72 15.53 10.76
N THR B 65 3.89 16.57 10.79
CA THR B 65 2.70 16.52 11.62
C THR B 65 1.46 16.48 10.73
N LEU B 66 0.35 16.12 11.34
CA LEU B 66 -0.93 16.21 10.59
C LEU B 66 -1.27 17.66 10.20
N GLU B 67 -0.81 18.64 10.98
CA GLU B 67 -0.97 20.02 10.64
C GLU B 67 -0.18 20.40 9.37
N ASP B 68 1.05 19.90 9.25
CA ASP B 68 1.81 20.10 8.01
C ASP B 68 1.00 19.65 6.79
N LEU B 69 0.40 18.46 6.90
CA LEU B 69 -0.37 17.89 5.78
C LEU B 69 -1.67 18.66 5.55
N LYS B 70 -2.41 18.91 6.64
CA LYS B 70 -3.71 19.58 6.55
C LYS B 70 -3.61 20.94 5.86
N ASN B 71 -2.54 21.69 6.15
CA ASN B 71 -2.42 23.06 5.70
C ASN B 71 -1.57 23.24 4.44
N CYS B 72 -1.12 22.14 3.81
CA CYS B 72 -0.34 22.27 2.59
C CYS B 72 -1.21 22.74 1.44
N ALA B 73 -0.59 23.28 0.39
CA ALA B 73 -1.30 23.65 -0.82
C ALA B 73 -1.20 22.55 -1.88
N GLY B 74 -0.29 21.60 -1.66
CA GLY B 74 -0.10 20.45 -2.56
C GLY B 74 0.89 19.51 -1.91
N LEU B 75 1.05 18.34 -2.49
CA LEU B 75 1.79 17.26 -1.79
C LEU B 75 2.58 16.46 -2.76
N ALA B 76 3.85 16.17 -2.41
CA ALA B 76 4.61 15.15 -3.12
C ALA B 76 4.87 14.07 -2.10
N LEU B 77 4.51 12.83 -2.40
CA LEU B 77 4.58 11.72 -1.46
C LEU B 77 5.64 10.71 -1.94
N GLY B 78 6.63 10.40 -1.10
CA GLY B 78 7.74 9.58 -1.56
C GLY B 78 8.09 8.38 -0.67
N SER B 79 8.48 7.26 -1.31
CA SER B 79 8.86 6.05 -0.53
C SER B 79 9.77 5.16 -1.36
N PRO B 80 10.64 4.40 -0.69
CA PRO B 80 11.28 3.30 -1.42
C PRO B 80 10.20 2.27 -1.75
N THR B 81 10.41 1.49 -2.80
CA THR B 81 9.44 0.42 -3.13
C THR B 81 9.57 -0.71 -2.12
N ARG B 82 8.44 -1.18 -1.60
CA ARG B 82 8.44 -2.31 -0.67
C ARG B 82 7.39 -3.32 -1.11
N PHE B 83 7.79 -4.25 -1.97
CA PHE B 83 6.86 -5.27 -2.47
C PHE B 83 5.66 -4.69 -3.18
N GLY B 84 5.89 -3.66 -3.99
CA GLY B 84 4.86 -3.08 -4.82
C GLY B 84 3.91 -2.15 -4.11
N ASN B 85 4.21 -1.81 -2.85
CA ASN B 85 3.46 -0.78 -2.11
C ASN B 85 4.49 0.14 -1.43
N MSE B 86 4.01 1.26 -0.89
CA MSE B 86 4.88 2.14 -0.09
C MSE B 86 5.35 1.43 1.18
O MSE B 86 4.79 0.40 1.58
CB MSE B 86 4.11 3.40 0.29
CG MSE B 86 3.02 3.16 1.33
SE MSE B 86 2.12 4.86 1.80
CE MSE B 86 0.80 4.84 0.28
N ALA B 87 6.36 2.03 1.82
CA ALA B 87 6.91 1.47 3.07
C ALA B 87 5.90 1.62 4.22
N SER B 88 5.88 0.64 5.12
CA SER B 88 4.93 0.67 6.25
C SER B 88 4.96 1.95 7.15
N PRO B 89 6.15 2.54 7.41
CA PRO B 89 6.09 3.79 8.25
C PRO B 89 5.29 4.91 7.59
N LEU B 90 5.34 4.98 6.26
CA LEU B 90 4.59 6.03 5.53
C LEU B 90 3.12 5.65 5.52
N LYS B 91 2.83 4.36 5.33
CA LYS B 91 1.43 3.89 5.40
C LYS B 91 0.86 4.19 6.81
N TYR B 92 1.66 3.98 7.86
CA TYR B 92 1.19 4.27 9.22
C TYR B 92 0.80 5.75 9.40
N PHE B 93 1.64 6.65 8.88
CA PHE B 93 1.33 8.08 8.95
C PHE B 93 0.01 8.34 8.21
N LEU B 94 -0.15 7.76 7.01
CA LEU B 94 -1.39 8.01 6.24
C LEU B 94 -2.60 7.39 6.94
N ASP B 95 -2.41 6.25 7.61
CA ASP B 95 -3.52 5.60 8.33
C ASP B 95 -4.07 6.52 9.45
N GLY B 96 -3.27 7.49 9.86
CA GLY B 96 -3.62 8.48 10.87
C GLY B 96 -4.39 9.70 10.36
N THR B 97 -4.78 9.70 9.08
CA THR B 97 -5.34 10.91 8.46
C THR B 97 -6.87 10.99 8.38
N SER B 98 -7.59 10.16 9.14
CA SER B 98 -9.05 10.13 9.03
C SER B 98 -9.68 11.48 9.38
N SER B 99 -9.14 12.19 10.36
CA SER B 99 -9.76 13.50 10.67
C SER B 99 -9.65 14.45 9.48
N LEU B 100 -8.48 14.45 8.81
CA LEU B 100 -8.31 15.25 7.62
C LEU B 100 -9.26 14.84 6.52
N TRP B 101 -9.52 13.52 6.41
CA TRP B 101 -10.47 13.02 5.43
C TRP B 101 -11.86 13.60 5.72
N LEU B 102 -12.28 13.53 6.98
CA LEU B 102 -13.62 14.02 7.35
C LEU B 102 -13.85 15.50 7.16
N THR B 103 -12.78 16.25 7.21
CA THR B 103 -12.83 17.69 7.11
C THR B 103 -12.49 18.15 5.66
N GLY B 104 -12.25 17.18 4.77
CA GLY B 104 -11.96 17.45 3.35
C GLY B 104 -10.71 18.29 3.17
N SER B 105 -9.75 18.09 4.06
CA SER B 105 -8.58 18.99 4.13
C SER B 105 -7.65 18.90 2.93
N LEU B 106 -7.66 17.77 2.23
CA LEU B 106 -6.79 17.63 1.05
C LEU B 106 -7.54 17.75 -0.29
N VAL B 107 -8.86 17.91 -0.22
CA VAL B 107 -9.70 17.92 -1.41
C VAL B 107 -9.29 19.07 -2.35
N GLY B 108 -9.05 18.70 -3.61
CA GLY B 108 -8.81 19.69 -4.66
C GLY B 108 -7.37 20.19 -4.70
N LYS B 109 -6.52 19.67 -3.80
CA LYS B 109 -5.10 20.07 -3.79
C LYS B 109 -4.32 19.13 -4.72
N PRO B 110 -3.36 19.66 -5.48
CA PRO B 110 -2.60 18.79 -6.40
C PRO B 110 -1.59 17.90 -5.67
N ALA B 111 -1.35 16.71 -6.23
CA ALA B 111 -0.45 15.76 -5.63
C ALA B 111 0.29 14.89 -6.65
N ALA B 112 1.50 14.48 -6.25
CA ALA B 112 2.28 13.57 -7.08
C ALA B 112 3.07 12.65 -6.18
N VAL B 113 3.66 11.61 -6.79
CA VAL B 113 4.43 10.65 -5.99
C VAL B 113 5.83 10.43 -6.53
N PHE B 114 6.70 9.84 -5.70
CA PHE B 114 8.06 9.51 -6.13
C PHE B 114 8.56 8.29 -5.38
N THR B 115 9.44 7.53 -6.03
CA THR B 115 9.93 6.30 -5.43
C THR B 115 11.38 6.10 -5.76
N SER B 116 12.02 5.27 -4.94
N SER B 116 12.02 5.27 -4.94
CA SER B 116 13.33 4.72 -5.25
CA SER B 116 13.35 4.73 -5.25
C SER B 116 13.25 3.21 -5.12
C SER B 116 13.29 3.22 -5.08
N THR B 117 14.13 2.49 -5.81
CA THR B 117 14.19 1.05 -5.63
C THR B 117 15.63 0.56 -5.63
N ALA B 118 15.92 -0.46 -4.82
CA ALA B 118 17.27 -1.02 -4.73
C ALA B 118 17.38 -2.22 -5.63
N SER B 119 16.31 -2.54 -6.34
CA SER B 119 16.20 -3.77 -7.11
C SER B 119 16.01 -3.55 -8.60
N LEU B 120 16.53 -4.49 -9.39
CA LEU B 120 16.44 -4.40 -10.86
C LEU B 120 15.19 -5.08 -11.40
N HIS B 121 14.46 -5.74 -10.50
CA HIS B 121 13.32 -6.58 -10.89
C HIS B 121 12.01 -5.79 -11.02
N GLY B 122 12.08 -4.47 -10.90
CA GLY B 122 10.94 -3.61 -11.21
C GLY B 122 9.99 -3.42 -10.04
N GLY B 123 8.86 -2.77 -10.31
CA GLY B 123 7.93 -2.50 -9.26
C GLY B 123 7.71 -1.01 -9.00
N GLN B 124 8.55 -0.13 -9.58
CA GLN B 124 8.36 1.30 -9.25
C GLN B 124 7.05 1.86 -9.80
N GLU B 125 6.66 1.49 -11.03
CA GLU B 125 5.44 2.12 -11.56
C GLU B 125 4.18 1.71 -10.82
N THR B 126 4.09 0.42 -10.54
CA THR B 126 2.89 -0.04 -9.85
C THR B 126 2.94 0.42 -8.42
N THR B 127 4.15 0.56 -7.82
CA THR B 127 4.19 1.13 -6.45
C THR B 127 3.65 2.55 -6.49
N GLN B 128 4.12 3.33 -7.47
CA GLN B 128 3.59 4.69 -7.67
C GLN B 128 2.04 4.69 -7.80
N LEU B 129 1.52 3.83 -8.68
CA LEU B 129 0.08 3.71 -8.84
C LEU B 129 -0.60 3.39 -7.48
N SER B 130 -0.02 2.46 -6.74
CA SER B 130 -0.60 2.08 -5.42
C SER B 130 -0.61 3.28 -4.46
N MSE B 131 0.35 4.20 -4.63
CA MSE B 131 0.46 5.41 -3.78
C MSE B 131 -0.54 6.53 -4.18
O MSE B 131 -0.91 7.38 -3.37
CB MSE B 131 1.90 5.91 -3.86
CG MSE B 131 2.83 4.99 -3.08
SE MSE B 131 4.72 5.48 -3.41
CE MSE B 131 4.74 7.12 -2.24
N LEU B 132 -0.97 6.51 -5.44
CA LEU B 132 -2.00 7.45 -5.87
C LEU B 132 -3.36 7.16 -5.24
N LEU B 133 -3.56 5.91 -4.84
CA LEU B 133 -4.85 5.47 -4.32
C LEU B 133 -5.27 6.26 -3.06
N PRO B 134 -4.41 6.33 -2.02
CA PRO B 134 -4.81 7.16 -0.83
C PRO B 134 -5.01 8.62 -1.20
N LEU B 135 -4.27 9.12 -2.20
CA LEU B 135 -4.40 10.53 -2.55
C LEU B 135 -5.77 10.78 -3.23
N LEU B 136 -6.16 9.84 -4.10
CA LEU B 136 -7.52 9.92 -4.66
C LEU B 136 -8.63 9.74 -3.59
N HIS B 137 -8.40 8.86 -2.61
N HIS B 137 -8.40 8.83 -2.64
CA HIS B 137 -9.37 8.71 -1.51
CA HIS B 137 -9.35 8.71 -1.55
C HIS B 137 -9.54 9.97 -0.66
C HIS B 137 -9.60 10.07 -0.89
N HIS B 138 -8.52 10.81 -0.64
CA HIS B 138 -8.56 12.15 -0.02
C HIS B 138 -9.03 13.26 -0.96
N GLY B 139 -9.42 12.90 -2.19
CA GLY B 139 -9.97 13.88 -3.13
C GLY B 139 -8.94 14.80 -3.76
N MSE B 140 -7.68 14.37 -3.73
CA MSE B 140 -6.62 15.19 -4.35
C MSE B 140 -6.70 15.15 -5.88
O MSE B 140 -7.36 14.25 -6.47
CB MSE B 140 -5.20 14.80 -3.81
CG MSE B 140 -5.27 14.79 -2.30
SE MSE B 140 -3.45 14.73 -1.51
CE MSE B 140 -3.04 16.61 -1.76
N LEU B 141 -6.07 16.14 -6.49
N LEU B 141 -6.04 16.12 -6.50
CA LEU B 141 -5.91 16.24 -7.94
CA LEU B 141 -5.95 16.19 -7.96
C LEU B 141 -4.55 15.64 -8.24
C LEU B 141 -4.56 15.70 -8.39
N VAL B 142 -4.51 14.48 -8.88
CA VAL B 142 -3.25 13.77 -9.07
C VAL B 142 -2.62 14.09 -10.40
N LEU B 143 -1.30 14.25 -10.37
CA LEU B 143 -0.52 14.53 -11.58
C LEU B 143 0.83 13.75 -11.55
N GLY B 144 1.41 13.55 -12.72
CA GLY B 144 2.72 12.90 -12.84
C GLY B 144 3.66 13.71 -13.70
N ILE B 145 4.50 13.03 -14.47
CA ILE B 145 5.43 13.74 -15.36
C ILE B 145 4.89 13.68 -16.79
N PRO B 146 4.67 14.86 -17.40
CA PRO B 146 4.29 14.86 -18.81
C PRO B 146 5.54 14.80 -19.70
N TYR B 147 5.76 13.65 -20.32
CA TYR B 147 7.02 13.44 -21.03
C TYR B 147 7.06 14.05 -22.42
N SER B 148 5.97 14.66 -22.83
CA SER B 148 5.88 15.22 -24.19
C SER B 148 6.65 16.53 -24.29
N GLU B 149 6.80 17.24 -23.17
CA GLU B 149 7.48 18.53 -23.21
C GLU B 149 8.96 18.34 -23.62
N PRO B 150 9.46 19.20 -24.53
CA PRO B 150 10.72 18.95 -25.26
C PRO B 150 11.68 17.94 -24.60
N THR B 160 8.68 7.34 -15.40
CA THR B 160 7.24 6.99 -15.56
C THR B 160 6.29 8.20 -15.64
N PRO B 161 5.13 8.05 -16.30
CA PRO B 161 4.14 9.13 -16.24
C PRO B 161 3.51 9.29 -14.85
N TYR B 162 3.80 8.39 -13.91
CA TYR B 162 3.04 8.36 -12.70
C TYR B 162 3.76 9.06 -11.56
N GLY B 163 5.01 9.48 -11.77
CA GLY B 163 5.81 10.11 -10.69
C GLY B 163 7.29 10.05 -11.01
N ALA B 164 8.12 10.50 -10.07
CA ALA B 164 9.55 10.42 -10.28
C ALA B 164 10.11 9.11 -9.76
N SER B 165 11.13 8.60 -10.47
CA SER B 165 11.79 7.32 -10.11
C SER B 165 13.28 7.43 -9.94
N HIS B 166 13.87 6.42 -9.29
CA HIS B 166 15.32 6.37 -9.08
C HIS B 166 15.74 4.93 -8.81
N PHE B 167 16.81 4.50 -9.47
CA PHE B 167 17.44 3.23 -9.13
C PHE B 167 18.59 3.47 -8.15
N ALA B 168 18.53 2.83 -6.99
CA ALA B 168 19.39 3.19 -5.85
C ALA B 168 20.63 2.30 -5.68
N GLY B 169 20.71 1.27 -6.50
CA GLY B 169 21.79 0.27 -6.36
C GLY B 169 21.45 -0.73 -5.26
N ALA B 170 22.16 -1.86 -5.26
CA ALA B 170 21.89 -2.94 -4.31
C ALA B 170 22.05 -2.47 -2.87
N ASP B 171 23.03 -1.60 -2.64
CA ASP B 171 23.27 -1.06 -1.30
C ASP B 171 22.45 0.19 -0.99
N GLY B 172 21.65 0.61 -1.98
CA GLY B 172 20.80 1.79 -1.87
C GLY B 172 21.58 3.08 -1.83
N LYS B 173 22.84 3.06 -2.26
CA LYS B 173 23.68 4.25 -2.18
C LYS B 173 24.01 4.95 -3.51
N ARG B 174 23.57 4.37 -4.63
CA ARG B 174 23.72 4.98 -5.95
C ARG B 174 23.10 6.37 -5.96
N SER B 175 23.90 7.35 -6.37
CA SER B 175 23.48 8.73 -6.43
C SER B 175 22.41 8.91 -7.50
N LEU B 176 21.58 9.96 -7.36
CA LEU B 176 20.72 10.34 -8.46
C LEU B 176 21.60 10.82 -9.60
N ASP B 177 21.35 10.32 -10.81
CA ASP B 177 22.03 10.83 -11.97
C ASP B 177 21.38 12.10 -12.43
N GLU B 178 21.95 12.72 -13.48
N GLU B 178 21.98 12.77 -13.40
CA GLU B 178 21.45 13.98 -14.03
CA GLU B 178 21.55 14.13 -13.77
C GLU B 178 19.98 13.93 -14.42
C GLU B 178 20.13 14.15 -14.34
N HIS B 179 19.59 12.87 -15.14
N HIS B 179 19.72 13.04 -14.93
CA HIS B 179 18.23 12.72 -15.64
CA HIS B 179 18.37 12.95 -15.49
C HIS B 179 17.25 12.62 -14.48
C HIS B 179 17.32 12.74 -14.40
N GLU B 180 17.63 11.82 -13.48
CA GLU B 180 16.80 11.62 -12.31
C GLU B 180 16.66 12.90 -11.52
N LEU B 181 17.76 13.64 -11.35
CA LEU B 181 17.70 14.95 -10.65
C LEU B 181 16.81 15.93 -11.40
N THR B 182 17.00 16.02 -12.72
CA THR B 182 16.22 16.90 -13.56
C THR B 182 14.72 16.56 -13.44
N LEU B 183 14.39 15.25 -13.47
CA LEU B 183 12.97 14.86 -13.36
C LEU B 183 12.36 15.15 -11.99
N CYS B 184 13.12 14.96 -10.92
CA CYS B 184 12.64 15.35 -9.57
C CYS B 184 12.34 16.86 -9.53
N ARG B 185 13.25 17.67 -10.08
CA ARG B 185 13.01 19.11 -10.04
C ARG B 185 11.78 19.46 -10.89
N ALA B 186 11.62 18.79 -12.03
CA ALA B 186 10.52 19.10 -12.94
C ALA B 186 9.20 18.76 -12.27
N LEU B 187 9.19 17.67 -11.50
CA LEU B 187 7.93 17.27 -10.82
C LEU B 187 7.54 18.30 -9.77
N GLY B 188 8.51 18.71 -8.95
CA GLY B 188 8.25 19.72 -7.94
C GLY B 188 7.78 21.02 -8.57
N LYS B 189 8.42 21.44 -9.67
CA LYS B 189 8.07 22.69 -10.35
C LYS B 189 6.63 22.60 -10.85
N ARG B 190 6.29 21.43 -11.39
CA ARG B 190 4.94 21.22 -11.94
C ARG B 190 3.88 21.27 -10.86
N LEU B 191 4.15 20.58 -9.75
CA LEU B 191 3.25 20.60 -8.59
C LEU B 191 3.02 22.04 -8.11
N ALA B 192 4.12 22.79 -7.97
CA ALA B 192 4.02 24.18 -7.53
C ALA B 192 3.21 25.06 -8.50
N GLU B 193 3.52 24.94 -9.79
CA GLU B 193 2.83 25.74 -10.80
C GLU B 193 1.35 25.39 -10.84
N THR B 194 1.03 24.10 -10.66
CA THR B 194 -0.40 23.69 -10.60
C THR B 194 -1.09 24.32 -9.41
N ALA B 195 -0.47 24.25 -8.23
CA ALA B 195 -1.03 24.90 -7.06
C ALA B 195 -1.18 26.42 -7.30
N GLY B 196 -0.21 27.00 -8.00
CA GLY B 196 -0.26 28.44 -8.33
C GLY B 196 -1.51 28.77 -9.15
N LYS B 197 -1.78 27.94 -10.16
CA LYS B 197 -2.92 28.19 -11.02
C LYS B 197 -4.23 28.05 -10.24
N LEU B 198 -4.32 27.00 -9.43
CA LEU B 198 -5.54 26.75 -8.66
C LEU B 198 -5.83 27.90 -7.69
N GLY B 199 -4.78 28.49 -7.13
CA GLY B 199 -4.89 29.51 -6.06
C GLY B 199 -5.01 30.93 -6.56
N SER B 200 -4.79 31.08 -7.86
CA SER B 200 -5.29 32.15 -8.71
C SER B 200 -4.45 32.41 -9.92
MG MG C . -1.20 -31.99 -9.66
MG MG D . -6.47 30.32 -11.30
#